data_4HP1
#
_entry.id   4HP1
#
_cell.length_a   71.027
_cell.length_b   39.517
_cell.length_c   57.634
_cell.angle_alpha   90.000
_cell.angle_beta   91.030
_cell.angle_gamma   90.000
#
_symmetry.space_group_name_H-M   'C 1 2 1'
#
loop_
_entity.id
_entity.type
_entity.pdbx_description
1 polymer "DNA (5'-D(*GP*CP*CP*AP*CP*(5CM)P*GP*GP*TP*GP*GP*C)-3')"
2 polymer 'LOC100036628 protein'
3 non-polymer 'ZINC ION'
4 water water
#
loop_
_entity_poly.entity_id
_entity_poly.type
_entity_poly.pdbx_seq_one_letter_code
_entity_poly.pdbx_strand_id
1 'polydeoxyribonucleotide' (DG)(DC)(DC)(DA)(DC)(5CM)(DG)(DG)(DT)(DG)(DG)(DC) A,B
2 'polypeptide(L)' MHHHHHHSSGRENLYFQGSNKKRKRCGVCVPCLRKEPCGACYNCVNRSTSHQICKMRKCEQLKKKRVVPMKG C
#
# COMPACT_ATOMS: atom_id res chain seq x y z
N ASN C 20 -20.50 1.91 2.32
CA ASN C 20 -19.50 1.59 1.26
C ASN C 20 -18.56 0.43 1.68
N LYS C 21 -17.67 0.06 0.77
CA LYS C 21 -16.76 -1.04 0.98
C LYS C 21 -15.34 -0.52 1.04
N LYS C 22 -14.43 -1.43 1.36
CA LYS C 22 -13.06 -1.09 1.42
C LYS C 22 -12.60 -0.61 0.05
N ARG C 23 -11.61 0.28 0.05
CA ARG C 23 -11.07 0.81 -1.19
C ARG C 23 -10.04 -0.15 -1.78
N LYS C 24 -9.92 -0.15 -3.11
CA LYS C 24 -8.90 -0.96 -3.82
C LYS C 24 -7.81 -0.05 -4.39
N ARG C 25 -6.63 -0.63 -4.58
CA ARG C 25 -5.50 0.06 -5.26
C ARG C 25 -5.95 0.62 -6.61
N CYS C 26 -5.23 1.62 -7.13
CA CYS C 26 -5.63 2.30 -8.34
C CYS C 26 -5.08 1.62 -9.60
N GLY C 27 -3.89 1.06 -9.49
CA GLY C 27 -3.32 0.26 -10.60
C GLY C 27 -2.46 1.06 -11.55
N VAL C 28 -2.39 2.37 -11.36
CA VAL C 28 -1.81 3.27 -12.35
C VAL C 28 -0.79 4.30 -11.82
N CYS C 29 -0.65 4.37 -10.52
CA CYS C 29 0.35 5.22 -9.91
C CYS C 29 1.68 4.44 -9.89
N VAL C 30 2.78 5.12 -9.67
CA VAL C 30 4.08 4.44 -9.73
C VAL C 30 4.17 3.27 -8.72
N PRO C 31 3.73 3.48 -7.47
CA PRO C 31 3.77 2.34 -6.51
C PRO C 31 2.94 1.14 -6.93
N CYS C 32 1.74 1.39 -7.46
CA CYS C 32 0.88 0.32 -7.93
C CYS C 32 1.56 -0.46 -9.04
N LEU C 33 2.35 0.22 -9.86
CA LEU C 33 3.03 -0.42 -10.98
C LEU C 33 4.26 -1.21 -10.58
N ARG C 34 4.75 -1.03 -9.35
CA ARG C 34 5.94 -1.78 -8.88
C ARG C 34 5.69 -3.27 -8.87
N LYS C 35 6.58 -4.02 -9.52
CA LYS C 35 6.44 -5.50 -9.62
C LYS C 35 6.79 -6.22 -8.30
N GLU C 36 7.86 -5.78 -7.62
CA GLU C 36 8.40 -6.50 -6.44
C GLU C 36 8.39 -5.64 -5.17
N PRO C 37 8.32 -6.27 -3.99
CA PRO C 37 8.55 -5.47 -2.75
C PRO C 37 9.98 -4.87 -2.71
N CYS C 38 10.16 -3.79 -1.96
CA CYS C 38 11.43 -3.06 -1.99
C CYS C 38 12.46 -3.74 -1.12
N GLY C 39 12.02 -4.49 -0.13
CA GLY C 39 12.93 -5.33 0.68
C GLY C 39 13.67 -4.63 1.82
N ALA C 40 13.48 -3.31 1.95
CA ALA C 40 14.23 -2.51 2.93
C ALA C 40 13.39 -1.54 3.79
N CYS C 41 12.13 -1.29 3.46
CA CYS C 41 11.31 -0.44 4.33
C CYS C 41 10.96 -1.19 5.60
N TYR C 42 10.36 -0.49 6.54
CA TYR C 42 10.03 -1.10 7.84
C TYR C 42 9.09 -2.30 7.68
N ASN C 43 8.16 -2.19 6.76
CA ASN C 43 7.17 -3.24 6.54
C ASN C 43 7.74 -4.48 5.81
N CYS C 44 8.69 -4.27 4.88
CA CYS C 44 9.40 -5.38 4.24
C CYS C 44 10.29 -6.12 5.23
N VAL C 45 11.03 -5.37 6.05
CA VAL C 45 11.93 -6.00 7.05
C VAL C 45 11.14 -6.82 8.08
N ASN C 46 9.92 -6.37 8.39
CA ASN C 46 9.01 -7.08 9.31
C ASN C 46 7.89 -7.86 8.59
N ARG C 47 8.23 -8.41 7.40
CA ARG C 47 7.25 -9.17 6.57
C ARG C 47 6.44 -10.18 7.39
N SER C 48 7.11 -11.02 8.17
CA SER C 48 6.42 -12.09 8.96
C SER C 48 5.30 -11.55 9.87
N THR C 49 5.53 -10.35 10.39
CA THR C 49 4.66 -9.72 11.38
C THR C 49 3.65 -8.76 10.77
N SER C 50 4.07 -8.00 9.78
CA SER C 50 3.31 -6.86 9.29
C SER C 50 2.05 -7.25 8.53
N HIS C 51 0.99 -6.49 8.72
CA HIS C 51 -0.20 -6.57 7.90
C HIS C 51 -0.24 -5.36 7.01
N GLN C 52 0.94 -4.74 6.77
CA GLN C 52 1.02 -3.51 5.98
C GLN C 52 1.86 -3.72 4.71
N ILE C 53 1.40 -3.11 3.59
CA ILE C 53 2.08 -3.24 2.34
C ILE C 53 3.43 -2.50 2.29
N CYS C 54 4.35 -3.02 1.52
CA CYS C 54 5.62 -2.32 1.28
C CYS C 54 5.35 -0.82 1.06
N LYS C 55 6.14 0.02 1.72
CA LYS C 55 5.91 1.48 1.66
C LYS C 55 6.04 2.04 0.22
N MET C 56 6.86 1.38 -0.60
CA MET C 56 7.05 1.78 -1.99
C MET C 56 5.95 1.22 -2.91
N ARG C 57 5.12 0.29 -2.42
CA ARG C 57 3.99 -0.21 -3.23
C ARG C 57 2.67 0.40 -2.83
N LYS C 58 2.64 1.10 -1.69
CA LYS C 58 1.42 1.75 -1.17
C LYS C 58 0.84 2.68 -2.23
N CYS C 59 -0.43 2.49 -2.56
CA CYS C 59 -1.10 3.25 -3.59
C CYS C 59 -1.27 4.69 -3.21
N GLU C 60 -0.93 5.58 -4.15
CA GLU C 60 -1.04 7.04 -3.92
C GLU C 60 -2.43 7.46 -3.57
N GLN C 61 -3.41 6.79 -4.16
CA GLN C 61 -4.80 7.08 -3.89
C GLN C 61 -5.20 6.66 -2.47
N LEU C 62 -4.59 5.61 -1.94
CA LEU C 62 -4.97 5.07 -0.59
C LEU C 62 -4.29 5.81 0.56
N LYS C 63 -3.28 6.61 0.25
CA LYS C 63 -2.64 7.48 1.26
C LYS C 63 -3.53 8.64 1.66
N LYS C 64 -4.61 8.87 0.92
CA LYS C 64 -5.60 9.87 1.31
C LYS C 64 -6.62 9.21 2.23
N LYS C 65 -6.87 9.83 3.38
CA LYS C 65 -7.88 9.35 4.30
C LYS C 65 -9.23 9.19 3.55
N ARG C 66 -10.01 8.18 3.96
CA ARG C 66 -11.36 7.96 3.39
C ARG C 66 -12.22 9.21 3.58
N VAL C 67 -12.96 9.60 2.53
CA VAL C 67 -13.90 10.74 2.63
C VAL C 67 -14.97 10.50 3.73
N VAL C 68 -15.42 9.25 3.85
CA VAL C 68 -16.31 8.83 4.95
C VAL C 68 -15.87 7.44 5.45
N PRO C 69 -15.81 7.23 6.80
CA PRO C 69 -15.37 5.93 7.33
C PRO C 69 -16.39 4.77 7.15
N MET C 70 -15.98 3.55 7.54
CA MET C 70 -16.88 2.37 7.56
C MET C 70 -17.38 2.14 8.99
#